data_8UBS
#
_entry.id   8UBS
#
_cell.length_a   48.793
_cell.length_b   84.383
_cell.length_c   174.709
_cell.angle_alpha   90.000
_cell.angle_beta   90.000
_cell.angle_gamma   90.000
#
_symmetry.space_group_name_H-M   'P 21 21 21'
#
loop_
_entity.id
_entity.type
_entity.pdbx_description
1 polymer NrdJ-1
2 non-polymer 'FORMIC ACID'
3 non-polymer 'SODIUM ION'
4 water water
#
_entity_poly.entity_id   1
_entity_poly.type   'polypeptide(L)'
_entity_poly.pdbx_seq_one_letter_code
;SGGALVGSSEIITRNYGKTTIKEVVEIFDNDKNIQVLAFNTHTDNIEWAPIKAAQLTRPNAELVELEIDTLHGVKTIRCT
PDHPVYTKNRGYVRADELTDDDELVVAIMEAKTYIGKLKSRKIVSNEDTYDIQTSTHNFFANDILVHASEI
;
_entity_poly.pdbx_strand_id   A,B,C,D
#
loop_
_chem_comp.id
_chem_comp.type
_chem_comp.name
_chem_comp.formula
FMT non-polymer 'FORMIC ACID' 'C H2 O2'
NA non-polymer 'SODIUM ION' 'Na 1'
#
# COMPACT_ATOMS: atom_id res chain seq x y z
N GLY A 2 -7.01 -12.20 -13.38
CA GLY A 2 -8.02 -12.84 -14.20
C GLY A 2 -8.98 -11.84 -14.81
N GLY A 3 -10.25 -11.89 -14.39
CA GLY A 3 -11.26 -11.05 -15.00
C GLY A 3 -11.00 -9.57 -14.80
N ALA A 4 -11.56 -8.76 -15.69
CA ALA A 4 -11.38 -7.33 -15.60
C ALA A 4 -12.62 -6.61 -16.14
N LEU A 5 -12.68 -5.30 -15.87
CA LEU A 5 -13.88 -4.49 -16.09
C LEU A 5 -13.55 -3.30 -16.99
N VAL A 6 -14.55 -2.82 -17.77
CA VAL A 6 -14.31 -1.60 -18.54
C VAL A 6 -14.09 -0.42 -17.59
N GLY A 7 -13.42 0.61 -18.10
CA GLY A 7 -12.97 1.72 -17.26
C GLY A 7 -14.10 2.55 -16.66
N SER A 8 -15.26 2.56 -17.29
CA SER A 8 -16.40 3.30 -16.77
C SER A 8 -17.18 2.55 -15.69
N SER A 9 -16.80 1.32 -15.31
CA SER A 9 -17.52 0.61 -14.25
C SER A 9 -17.40 1.39 -12.94
N GLU A 10 -18.51 1.55 -12.23
CA GLU A 10 -18.54 2.39 -11.04
CA GLU A 10 -18.55 2.39 -11.04
C GLU A 10 -18.20 1.58 -9.79
N ILE A 11 -17.28 2.12 -8.99
CA ILE A 11 -16.85 1.56 -7.72
C ILE A 11 -17.34 2.49 -6.62
N ILE A 12 -17.77 1.93 -5.50
CA ILE A 12 -18.21 2.73 -4.35
CA ILE A 12 -18.21 2.72 -4.35
C ILE A 12 -17.02 2.80 -3.39
N THR A 13 -16.32 3.94 -3.39
CA THR A 13 -15.21 4.11 -2.45
C THR A 13 -15.68 4.82 -1.20
N ARG A 14 -14.96 4.55 -0.09
CA ARG A 14 -15.32 5.13 1.19
C ARG A 14 -14.93 6.61 1.29
N ASN A 15 -13.86 7.03 0.61
CA ASN A 15 -13.34 8.39 0.77
C ASN A 15 -13.37 9.24 -0.49
N TYR A 16 -13.66 8.65 -1.65
CA TYR A 16 -13.80 9.41 -2.89
C TYR A 16 -15.20 9.30 -3.47
N GLY A 17 -16.13 8.69 -2.75
CA GLY A 17 -17.48 8.48 -3.27
C GLY A 17 -17.47 7.51 -4.44
N LYS A 18 -18.56 7.54 -5.19
CA LYS A 18 -18.67 6.72 -6.39
C LYS A 18 -17.66 7.21 -7.42
N THR A 19 -16.91 6.27 -8.00
CA THR A 19 -15.75 6.59 -8.80
C THR A 19 -15.59 5.49 -9.85
N THR A 20 -15.30 5.87 -11.10
CA THR A 20 -15.09 4.82 -12.08
C THR A 20 -13.80 4.07 -11.75
N ILE A 21 -13.74 2.81 -12.17
CA ILE A 21 -12.55 2.04 -11.84
C ILE A 21 -11.33 2.62 -12.54
N LYS A 22 -11.50 3.23 -13.72
CA LYS A 22 -10.39 3.93 -14.35
C LYS A 22 -9.85 5.04 -13.43
N GLU A 23 -10.74 5.81 -12.81
CA GLU A 23 -10.29 6.90 -11.95
C GLU A 23 -9.69 6.36 -10.65
N VAL A 24 -10.21 5.23 -10.15
CA VAL A 24 -9.63 4.60 -8.97
C VAL A 24 -8.17 4.23 -9.25
N VAL A 25 -7.90 3.63 -10.41
CA VAL A 25 -6.53 3.25 -10.75
C VAL A 25 -5.61 4.46 -10.77
N GLU A 26 -6.11 5.59 -11.27
CA GLU A 26 -5.29 6.81 -11.30
C GLU A 26 -5.04 7.34 -9.89
N ILE A 27 -6.08 7.36 -9.04
CA ILE A 27 -5.94 7.84 -7.68
C ILE A 27 -5.00 6.93 -6.89
N PHE A 28 -5.12 5.62 -7.06
CA PHE A 28 -4.35 4.66 -6.27
C PHE A 28 -2.86 4.70 -6.58
N ASP A 29 -2.48 5.30 -7.70
CA ASP A 29 -1.07 5.48 -8.01
C ASP A 29 -0.34 6.30 -6.93
N ASN A 30 -1.06 7.24 -6.29
CA ASN A 30 -0.46 8.04 -5.23
C ASN A 30 -1.09 7.85 -3.87
N ASP A 31 -2.40 7.58 -3.80
CA ASP A 31 -3.09 7.38 -2.53
C ASP A 31 -3.37 5.89 -2.36
N LYS A 32 -2.61 5.24 -1.48
CA LYS A 32 -2.77 3.80 -1.28
C LYS A 32 -3.86 3.46 -0.27
N ASN A 33 -4.55 4.45 0.28
CA ASN A 33 -5.57 4.21 1.29
C ASN A 33 -6.94 4.47 0.66
N ILE A 34 -7.48 3.47 -0.01
CA ILE A 34 -8.81 3.55 -0.60
C ILE A 34 -9.55 2.28 -0.20
N GLN A 35 -10.74 2.43 0.35
CA GLN A 35 -11.58 1.29 0.65
C GLN A 35 -12.83 1.31 -0.24
N VAL A 36 -13.31 0.12 -0.63
CA VAL A 36 -14.43 -0.01 -1.56
C VAL A 36 -15.52 -0.87 -0.93
N LEU A 37 -16.75 -0.61 -1.34
CA LEU A 37 -17.88 -1.41 -0.84
C LEU A 37 -17.73 -2.84 -1.35
N ALA A 38 -17.82 -3.80 -0.45
CA ALA A 38 -17.60 -5.20 -0.80
C ALA A 38 -18.50 -6.04 0.10
N PHE A 39 -18.20 -7.32 0.25
CA PHE A 39 -19.18 -8.23 0.85
C PHE A 39 -18.47 -9.39 1.54
N ASN A 40 -18.83 -9.64 2.79
CA ASN A 40 -18.32 -10.79 3.53
C ASN A 40 -19.22 -11.98 3.22
N THR A 41 -18.70 -12.93 2.43
CA THR A 41 -19.51 -14.07 2.03
C THR A 41 -19.76 -15.04 3.17
N HIS A 42 -19.05 -14.89 4.30
CA HIS A 42 -19.28 -15.77 5.44
C HIS A 42 -20.47 -15.29 6.27
N THR A 43 -20.47 -14.01 6.67
CA THR A 43 -21.56 -13.45 7.43
C THR A 43 -22.70 -12.93 6.58
N ASP A 44 -22.50 -12.85 5.26
CA ASP A 44 -23.48 -12.28 4.33
C ASP A 44 -23.80 -10.83 4.69
N ASN A 45 -22.75 -10.05 4.93
CA ASN A 45 -22.85 -8.64 5.26
C ASN A 45 -21.95 -7.81 4.34
N ILE A 46 -22.50 -6.69 3.87
CA ILE A 46 -21.67 -5.69 3.22
C ILE A 46 -20.56 -5.27 4.16
N GLU A 47 -19.34 -5.08 3.61
CA GLU A 47 -18.21 -4.57 4.38
C GLU A 47 -17.38 -3.64 3.50
N TRP A 48 -16.69 -2.71 4.14
CA TRP A 48 -15.67 -1.93 3.44
C TRP A 48 -14.39 -2.76 3.35
N ALA A 49 -13.74 -2.75 2.19
CA ALA A 49 -12.56 -3.57 1.94
C ALA A 49 -11.45 -2.68 1.43
N PRO A 50 -10.28 -2.65 2.08
CA PRO A 50 -9.15 -1.89 1.52
C PRO A 50 -8.73 -2.42 0.16
N ILE A 51 -8.35 -1.52 -0.73
CA ILE A 51 -7.76 -1.88 -2.01
C ILE A 51 -6.28 -2.17 -1.79
N LYS A 52 -5.80 -3.28 -2.37
CA LYS A 52 -4.39 -3.64 -2.28
C LYS A 52 -3.65 -3.46 -3.59
N ALA A 53 -4.35 -3.33 -4.71
CA ALA A 53 -3.77 -3.14 -6.03
C ALA A 53 -4.87 -2.68 -6.96
N ALA A 54 -4.48 -1.94 -8.01
CA ALA A 54 -5.44 -1.37 -8.97
C ALA A 54 -4.70 -1.05 -10.25
N GLN A 55 -5.14 -1.62 -11.37
CA GLN A 55 -4.37 -1.41 -12.58
C GLN A 55 -5.22 -1.68 -13.82
N LEU A 56 -4.77 -1.14 -14.93
CA LEU A 56 -5.21 -1.59 -16.25
C LEU A 56 -4.52 -2.91 -16.52
N THR A 57 -5.26 -4.02 -16.42
CA THR A 57 -4.62 -5.33 -16.52
C THR A 57 -4.60 -5.86 -17.95
N ARG A 58 -5.70 -5.73 -18.67
CA ARG A 58 -5.87 -6.41 -19.96
C ARG A 58 -6.27 -5.41 -21.03
N PRO A 59 -5.31 -4.88 -21.78
CA PRO A 59 -5.65 -3.98 -22.88
C PRO A 59 -6.39 -4.72 -23.99
N ASN A 60 -7.29 -4.00 -24.63
CA ASN A 60 -8.12 -4.49 -25.74
C ASN A 60 -8.60 -5.93 -25.50
N ALA A 61 -9.25 -6.11 -24.36
CA ALA A 61 -9.75 -7.42 -23.94
C ALA A 61 -11.13 -7.70 -24.53
N GLU A 62 -11.44 -8.99 -24.70
CA GLU A 62 -12.78 -9.38 -25.12
C GLU A 62 -13.76 -9.14 -23.98
N LEU A 63 -15.02 -8.89 -24.35
CA LEU A 63 -16.01 -8.40 -23.41
C LEU A 63 -17.38 -8.99 -23.69
N VAL A 64 -18.18 -9.07 -22.64
CA VAL A 64 -19.61 -9.23 -22.78
C VAL A 64 -20.25 -8.06 -22.07
N GLU A 65 -21.50 -7.78 -22.41
CA GLU A 65 -22.32 -6.84 -21.65
C GLU A 65 -23.45 -7.62 -21.00
N LEU A 66 -23.56 -7.52 -19.68
CA LEU A 66 -24.63 -8.13 -18.91
C LEU A 66 -25.66 -7.06 -18.57
N GLU A 67 -26.93 -7.38 -18.78
CA GLU A 67 -28.03 -6.60 -18.23
C GLU A 67 -28.61 -7.40 -17.07
N ILE A 68 -28.73 -6.77 -15.92
CA ILE A 68 -29.15 -7.43 -14.69
C ILE A 68 -30.42 -6.74 -14.22
N ASP A 69 -31.50 -7.51 -14.04
CA ASP A 69 -32.71 -7.00 -13.44
C ASP A 69 -32.51 -6.89 -11.93
N THR A 70 -32.82 -5.72 -11.38
CA THR A 70 -32.63 -5.46 -9.95
C THR A 70 -33.86 -4.74 -9.40
N LEU A 71 -33.88 -4.62 -8.06
CA LEU A 71 -34.92 -3.86 -7.37
C LEU A 71 -35.12 -2.47 -7.97
N HIS A 72 -34.04 -1.85 -8.44
CA HIS A 72 -34.09 -0.48 -8.92
C HIS A 72 -34.09 -0.38 -10.44
N GLY A 73 -34.40 -1.46 -11.13
CA GLY A 73 -34.36 -1.45 -12.58
C GLY A 73 -33.14 -2.16 -13.13
N VAL A 74 -32.86 -1.90 -14.39
CA VAL A 74 -31.83 -2.62 -15.12
C VAL A 74 -30.48 -1.98 -14.85
N LYS A 75 -29.53 -2.78 -14.41
CA LYS A 75 -28.14 -2.38 -14.30
C LYS A 75 -27.33 -3.13 -15.35
N THR A 76 -26.34 -2.46 -15.93
CA THR A 76 -25.50 -3.08 -16.94
C THR A 76 -24.04 -3.06 -16.49
N ILE A 77 -23.31 -4.10 -16.89
CA ILE A 77 -21.88 -4.16 -16.63
C ILE A 77 -21.21 -4.77 -17.85
N ARG A 78 -20.06 -4.20 -18.23
CA ARG A 78 -19.23 -4.71 -19.32
C ARG A 78 -17.96 -5.25 -18.70
N CYS A 79 -17.71 -6.54 -18.90
CA CYS A 79 -16.62 -7.23 -18.24
C CYS A 79 -16.11 -8.30 -19.19
N THR A 80 -14.90 -8.80 -18.93
CA THR A 80 -14.38 -9.90 -19.72
C THR A 80 -15.26 -11.14 -19.53
N PRO A 81 -15.31 -12.03 -20.53
CA PRO A 81 -16.18 -13.21 -20.41
C PRO A 81 -15.87 -14.10 -19.22
N ASP A 82 -14.60 -14.14 -18.79
CA ASP A 82 -14.19 -14.95 -17.64
C ASP A 82 -14.40 -14.25 -16.30
N HIS A 83 -14.92 -13.02 -16.25
CA HIS A 83 -15.00 -12.31 -14.97
C HIS A 83 -16.02 -12.98 -14.07
N PRO A 84 -15.65 -13.43 -12.87
CA PRO A 84 -16.62 -14.13 -12.03
C PRO A 84 -17.53 -13.16 -11.31
N VAL A 85 -18.80 -13.56 -11.21
CA VAL A 85 -19.87 -12.78 -10.60
C VAL A 85 -20.44 -13.65 -9.49
N TYR A 86 -20.63 -13.08 -8.31
CA TYR A 86 -21.06 -13.90 -7.19
C TYR A 86 -22.53 -14.29 -7.35
N THR A 87 -22.86 -15.54 -7.01
CA THR A 87 -24.24 -15.98 -6.93
C THR A 87 -24.48 -16.64 -5.58
N LYS A 88 -25.68 -16.46 -5.05
CA LYS A 88 -25.99 -17.10 -3.78
C LYS A 88 -26.31 -18.58 -3.95
N ASN A 89 -26.71 -19.01 -5.14
CA ASN A 89 -27.10 -20.41 -5.31
C ASN A 89 -25.91 -21.32 -5.61
N ARG A 90 -24.86 -20.81 -6.27
CA ARG A 90 -23.75 -21.71 -6.62
C ARG A 90 -22.39 -21.02 -6.61
N GLY A 91 -22.22 -19.98 -5.78
CA GLY A 91 -20.91 -19.36 -5.65
C GLY A 91 -20.58 -18.47 -6.85
N TYR A 92 -19.29 -18.22 -7.05
CA TYR A 92 -18.88 -17.36 -8.15
C TYR A 92 -19.03 -18.10 -9.49
N VAL A 93 -19.48 -17.37 -10.51
CA VAL A 93 -19.79 -17.94 -11.82
C VAL A 93 -19.23 -17.00 -12.88
N ARG A 94 -18.54 -17.57 -13.87
CA ARG A 94 -18.05 -16.75 -14.99
C ARG A 94 -19.21 -15.96 -15.60
N ALA A 95 -18.93 -14.71 -15.96
CA ALA A 95 -19.93 -13.88 -16.62
C ALA A 95 -20.56 -14.58 -17.83
N ASP A 96 -19.76 -15.34 -18.60
CA ASP A 96 -20.33 -15.96 -19.79
C ASP A 96 -21.03 -17.29 -19.48
N GLU A 97 -21.18 -17.66 -18.20
CA GLU A 97 -21.88 -18.88 -17.81
C GLU A 97 -23.06 -18.63 -16.88
N LEU A 98 -23.29 -17.37 -16.50
CA LEU A 98 -24.49 -17.04 -15.73
C LEU A 98 -25.75 -17.44 -16.50
N THR A 99 -26.79 -17.84 -15.76
CA THR A 99 -28.09 -18.12 -16.35
C THR A 99 -29.15 -17.31 -15.62
N ASP A 100 -30.38 -17.36 -16.13
CA ASP A 100 -31.46 -16.62 -15.49
C ASP A 100 -31.97 -17.30 -14.23
N ASP A 101 -31.43 -18.46 -13.86
CA ASP A 101 -31.75 -19.06 -12.56
C ASP A 101 -30.80 -18.60 -11.45
N ASP A 102 -29.69 -17.96 -11.78
CA ASP A 102 -28.73 -17.58 -10.76
C ASP A 102 -29.22 -16.36 -9.98
N GLU A 103 -28.78 -16.27 -8.72
CA GLU A 103 -29.22 -15.21 -7.82
C GLU A 103 -28.01 -14.32 -7.51
N LEU A 104 -27.97 -13.15 -8.15
CA LEU A 104 -26.85 -12.24 -7.95
C LEU A 104 -27.10 -11.38 -6.72
N VAL A 105 -26.05 -10.69 -6.26
CA VAL A 105 -26.11 -9.87 -5.06
C VAL A 105 -25.88 -8.42 -5.48
N VAL A 106 -26.86 -7.57 -5.19
CA VAL A 106 -26.84 -6.18 -5.63
C VAL A 106 -26.88 -5.31 -4.40
N ALA A 107 -26.01 -4.30 -4.32
CA ALA A 107 -26.08 -3.34 -3.22
C ALA A 107 -27.12 -2.29 -3.58
N ILE A 108 -28.22 -2.24 -2.81
CA ILE A 108 -29.25 -1.23 -3.09
C ILE A 108 -29.04 0.02 -2.26
N MET A 109 -28.23 -0.07 -1.20
CA MET A 109 -27.61 1.09 -0.59
C MET A 109 -26.35 0.59 0.12
N GLU A 110 -25.60 1.52 0.69
CA GLU A 110 -24.32 1.12 1.28
CA GLU A 110 -24.34 1.19 1.36
C GLU A 110 -24.48 0.04 2.35
N ALA A 111 -25.70 -0.20 2.87
CA ALA A 111 -25.85 -1.19 3.94
C ALA A 111 -26.95 -2.22 3.69
N LYS A 112 -27.44 -2.39 2.46
CA LYS A 112 -28.43 -3.44 2.20
C LYS A 112 -28.21 -4.02 0.81
N THR A 113 -28.55 -5.32 0.66
CA THR A 113 -28.45 -6.01 -0.61
C THR A 113 -29.81 -6.59 -0.99
N TYR A 114 -29.94 -6.95 -2.25
CA TYR A 114 -31.15 -7.58 -2.75
C TYR A 114 -30.77 -8.39 -3.98
N ILE A 115 -31.56 -9.43 -4.26
CA ILE A 115 -31.22 -10.33 -5.35
C ILE A 115 -31.25 -9.59 -6.68
N GLY A 116 -30.31 -9.95 -7.58
CA GLY A 116 -30.37 -9.53 -8.96
C GLY A 116 -30.53 -10.74 -9.85
N LYS A 117 -31.09 -10.58 -11.05
CA LYS A 117 -31.31 -11.69 -11.99
C LYS A 117 -30.81 -11.30 -13.37
N LEU A 118 -30.12 -12.23 -14.03
CA LEU A 118 -29.62 -11.98 -15.38
C LEU A 118 -30.78 -11.71 -16.33
N LYS A 119 -30.73 -10.57 -17.02
CA LYS A 119 -31.71 -10.25 -18.05
C LYS A 119 -31.22 -10.66 -19.44
N SER A 120 -29.98 -10.30 -19.78
CA SER A 120 -29.43 -10.67 -21.10
C SER A 120 -27.91 -10.58 -21.04
N ARG A 121 -27.26 -11.27 -21.98
CA ARG A 121 -25.81 -11.20 -22.14
C ARG A 121 -25.52 -11.17 -23.64
N LYS A 122 -24.64 -10.26 -24.06
CA LYS A 122 -24.23 -10.21 -25.46
C LYS A 122 -22.76 -9.85 -25.54
N ILE A 123 -22.11 -10.28 -26.62
CA ILE A 123 -20.76 -9.83 -26.89
C ILE A 123 -20.79 -8.36 -27.28
N VAL A 124 -19.78 -7.59 -26.83
CA VAL A 124 -19.55 -6.22 -27.31
C VAL A 124 -18.08 -6.11 -27.72
N SER A 125 -17.74 -5.00 -28.40
CA SER A 125 -16.40 -4.86 -28.93
C SER A 125 -15.37 -4.71 -27.79
N ASN A 126 -14.13 -5.05 -28.10
CA ASN A 126 -13.06 -5.06 -27.10
C ASN A 126 -12.77 -3.66 -26.54
N GLU A 127 -12.31 -3.62 -25.29
CA GLU A 127 -11.82 -2.40 -24.65
C GLU A 127 -10.68 -2.74 -23.70
N ASP A 128 -9.86 -1.74 -23.37
CA ASP A 128 -8.96 -1.86 -22.24
C ASP A 128 -9.77 -2.13 -20.99
N THR A 129 -9.26 -3.01 -20.12
CA THR A 129 -10.00 -3.37 -18.92
C THR A 129 -9.11 -3.26 -17.69
N TYR A 130 -9.78 -3.12 -16.54
CA TYR A 130 -9.13 -2.77 -15.28
C TYR A 130 -9.59 -3.73 -14.19
N ASP A 131 -8.78 -3.85 -13.13
CA ASP A 131 -9.30 -4.55 -11.97
C ASP A 131 -8.62 -4.04 -10.72
N ILE A 132 -9.12 -4.50 -9.58
CA ILE A 132 -8.53 -4.19 -8.28
C ILE A 132 -8.47 -5.48 -7.49
N GLN A 133 -7.62 -5.47 -6.48
CA GLN A 133 -7.52 -6.50 -5.47
C GLN A 133 -7.95 -5.89 -4.14
N THR A 134 -8.78 -6.61 -3.38
CA THR A 134 -9.29 -6.11 -2.11
C THR A 134 -9.09 -7.15 -1.02
N SER A 135 -9.25 -6.72 0.23
CA SER A 135 -9.11 -7.64 1.35
C SER A 135 -10.16 -8.74 1.36
N THR A 136 -11.31 -8.53 0.71
CA THR A 136 -12.35 -9.56 0.68
C THR A 136 -12.33 -10.40 -0.58
N HIS A 137 -11.40 -10.15 -1.51
CA HIS A 137 -11.39 -10.77 -2.83
C HIS A 137 -12.69 -10.54 -3.60
N ASN A 138 -13.39 -9.46 -3.30
CA ASN A 138 -14.55 -9.07 -4.11
C ASN A 138 -14.80 -7.57 -3.93
N PHE A 139 -15.76 -7.06 -4.69
CA PHE A 139 -16.19 -5.67 -4.60
C PHE A 139 -17.43 -5.51 -5.45
N PHE A 140 -18.16 -4.43 -5.19
CA PHE A 140 -19.34 -4.11 -5.98
C PHE A 140 -18.93 -3.27 -7.18
N ALA A 141 -19.35 -3.69 -8.37
CA ALA A 141 -19.10 -2.95 -9.61
C ALA A 141 -20.45 -2.67 -10.25
N ASN A 142 -20.77 -1.39 -10.44
CA ASN A 142 -22.11 -0.99 -10.89
C ASN A 142 -23.18 -1.62 -10.01
N ASP A 143 -22.86 -1.73 -8.71
CA ASP A 143 -23.71 -2.29 -7.65
C ASP A 143 -23.85 -3.81 -7.70
N ILE A 144 -23.07 -4.50 -8.54
CA ILE A 144 -23.11 -5.96 -8.67
CA ILE A 144 -23.11 -5.96 -8.65
C ILE A 144 -21.87 -6.54 -8.01
N LEU A 145 -22.05 -7.57 -7.17
CA LEU A 145 -20.91 -8.17 -6.48
C LEU A 145 -20.09 -9.03 -7.44
N VAL A 146 -18.82 -8.68 -7.63
CA VAL A 146 -17.94 -9.44 -8.52
C VAL A 146 -16.67 -9.85 -7.77
N HIS A 147 -15.98 -10.86 -8.32
CA HIS A 147 -14.75 -11.39 -7.74
C HIS A 147 -13.57 -10.51 -8.08
N ALA A 148 -12.60 -10.47 -7.17
CA ALA A 148 -11.34 -9.73 -7.35
C ALA A 148 -10.18 -10.71 -7.18
N SER A 149 -9.66 -11.22 -8.29
CA SER A 149 -8.57 -12.18 -8.21
C SER A 149 -7.25 -11.49 -7.86
N GLU A 150 -6.32 -12.28 -7.31
CA GLU A 150 -4.96 -11.82 -7.08
C GLU A 150 -3.91 -12.63 -7.85
N ILE A 151 -4.32 -13.63 -8.62
CA ILE A 151 -3.37 -14.46 -9.37
C ILE A 151 -3.84 -14.61 -10.82
N GLY B 2 2.17 -16.54 -4.80
CA GLY B 2 2.02 -17.98 -4.86
C GLY B 2 2.13 -18.69 -3.53
N GLY B 3 2.47 -19.96 -3.57
CA GLY B 3 2.61 -20.75 -2.36
C GLY B 3 3.46 -21.97 -2.65
N ALA B 4 3.33 -22.97 -1.79
CA ALA B 4 4.16 -24.16 -1.94
C ALA B 4 3.42 -25.36 -1.38
N LEU B 5 4.00 -26.54 -1.63
CA LEU B 5 3.39 -27.83 -1.35
C LEU B 5 4.29 -28.66 -0.44
N VAL B 6 3.69 -29.59 0.31
CA VAL B 6 4.50 -30.51 1.10
C VAL B 6 5.29 -31.44 0.18
N GLY B 7 6.43 -31.92 0.69
CA GLY B 7 7.36 -32.67 -0.14
C GLY B 7 6.80 -33.95 -0.71
N SER B 8 5.88 -34.60 0.02
CA SER B 8 5.29 -35.84 -0.45
C SER B 8 4.22 -35.64 -1.52
N SER B 9 3.86 -34.39 -1.85
CA SER B 9 2.89 -34.15 -2.93
C SER B 9 3.33 -34.83 -4.22
N GLU B 10 2.42 -35.58 -4.86
CA GLU B 10 2.81 -36.38 -6.03
C GLU B 10 2.61 -35.58 -7.32
N ILE B 11 3.61 -35.62 -8.20
CA ILE B 11 3.50 -35.03 -9.53
C ILE B 11 3.86 -36.09 -10.56
N ILE B 12 3.28 -35.97 -11.75
CA ILE B 12 3.48 -36.93 -12.83
C ILE B 12 4.50 -36.33 -13.79
N THR B 13 5.66 -36.96 -13.91
CA THR B 13 6.72 -36.50 -14.80
C THR B 13 6.83 -37.43 -16.00
N ARG B 14 7.14 -36.83 -17.15
CA ARG B 14 7.43 -37.65 -18.33
C ARG B 14 8.66 -38.50 -18.12
N ASN B 15 9.63 -38.01 -17.34
CA ASN B 15 10.91 -38.70 -17.15
C ASN B 15 10.78 -39.91 -16.22
N TYR B 16 10.20 -39.71 -15.03
CA TYR B 16 10.19 -40.72 -13.99
C TYR B 16 8.79 -41.21 -13.64
N GLY B 17 7.80 -40.93 -14.50
CA GLY B 17 6.43 -41.22 -14.12
C GLY B 17 6.01 -40.44 -12.89
N LYS B 18 5.27 -41.09 -12.01
CA LYS B 18 4.81 -40.47 -10.77
CA LYS B 18 4.81 -40.47 -10.77
C LYS B 18 5.98 -40.36 -9.78
N THR B 19 6.14 -39.18 -9.20
CA THR B 19 7.20 -38.93 -8.23
CA THR B 19 7.22 -38.90 -8.24
C THR B 19 6.76 -37.81 -7.29
N THR B 20 7.46 -37.65 -6.18
CA THR B 20 7.10 -36.59 -5.25
C THR B 20 7.79 -35.28 -5.63
N ILE B 21 7.20 -34.17 -5.19
CA ILE B 21 7.79 -32.88 -5.52
C ILE B 21 9.13 -32.72 -4.84
N LYS B 22 9.29 -33.27 -3.63
CA LYS B 22 10.60 -33.19 -2.97
C LYS B 22 11.66 -33.92 -3.79
N GLU B 23 11.31 -35.07 -4.37
CA GLU B 23 12.29 -35.80 -5.19
C GLU B 23 12.65 -35.02 -6.45
N VAL B 24 11.65 -34.39 -7.09
CA VAL B 24 11.92 -33.60 -8.28
C VAL B 24 12.81 -32.40 -7.96
N VAL B 25 12.54 -31.73 -6.83
CA VAL B 25 13.40 -30.60 -6.44
C VAL B 25 14.83 -31.07 -6.21
N GLU B 26 15.00 -32.23 -5.56
CA GLU B 26 16.34 -32.77 -5.36
C GLU B 26 16.99 -33.15 -6.69
N ILE B 27 16.20 -33.69 -7.61
CA ILE B 27 16.73 -34.10 -8.90
C ILE B 27 17.10 -32.88 -9.75
N PHE B 28 16.32 -31.82 -9.64
CA PHE B 28 16.29 -30.79 -10.68
C PHE B 28 17.57 -29.96 -10.72
N ASP B 29 18.06 -29.74 -11.93
CA ASP B 29 18.91 -28.61 -12.27
C ASP B 29 18.56 -28.24 -13.71
N ASN B 30 19.17 -27.16 -14.22
CA ASN B 30 18.82 -26.69 -15.56
C ASN B 30 19.19 -27.69 -16.65
N ASP B 31 20.09 -28.63 -16.37
CA ASP B 31 20.39 -29.66 -17.35
C ASP B 31 19.35 -30.75 -17.37
N LYS B 32 18.63 -30.95 -16.28
CA LYS B 32 17.48 -31.81 -16.30
C LYS B 32 16.41 -31.17 -17.19
N ASN B 33 15.84 -31.96 -18.08
CA ASN B 33 14.73 -31.53 -18.91
C ASN B 33 13.50 -32.33 -18.49
N ILE B 34 12.97 -31.98 -17.32
CA ILE B 34 11.82 -32.66 -16.75
C ILE B 34 10.57 -31.94 -17.21
N GLN B 35 9.58 -32.71 -17.66
CA GLN B 35 8.26 -32.20 -18.00
C GLN B 35 7.22 -32.83 -17.08
N VAL B 36 6.24 -32.05 -16.64
CA VAL B 36 5.21 -32.51 -15.72
C VAL B 36 3.84 -32.38 -16.37
N LEU B 37 2.91 -33.22 -15.92
CA LEU B 37 1.54 -33.15 -16.39
C LEU B 37 0.90 -31.84 -15.95
N ALA B 38 0.29 -31.13 -16.89
CA ALA B 38 -0.21 -29.78 -16.62
C ALA B 38 -1.43 -29.54 -17.51
N PHE B 39 -1.85 -28.28 -17.62
CA PHE B 39 -3.14 -28.01 -18.22
C PHE B 39 -3.15 -26.68 -18.97
N ASN B 40 -3.64 -26.71 -20.21
CA ASN B 40 -3.83 -25.49 -20.99
C ASN B 40 -5.21 -24.97 -20.65
N THR B 41 -5.28 -23.92 -19.84
CA THR B 41 -6.56 -23.42 -19.36
C THR B 41 -7.41 -22.81 -20.47
N HIS B 42 -6.82 -22.50 -21.63
CA HIS B 42 -7.54 -21.94 -22.76
C HIS B 42 -8.17 -23.02 -23.62
N THR B 43 -7.38 -24.03 -24.01
CA THR B 43 -7.88 -25.15 -24.80
C THR B 43 -8.52 -26.23 -23.96
N ASP B 44 -8.38 -26.17 -22.63
CA ASP B 44 -8.95 -27.17 -21.72
C ASP B 44 -8.38 -28.56 -22.01
N ASN B 45 -7.08 -28.64 -22.29
CA ASN B 45 -6.43 -29.91 -22.55
C ASN B 45 -5.21 -30.10 -21.67
N ILE B 46 -5.01 -31.34 -21.22
CA ILE B 46 -3.79 -31.72 -20.54
C ILE B 46 -2.61 -31.57 -21.49
N GLU B 47 -1.50 -31.00 -21.01
CA GLU B 47 -0.26 -31.09 -21.78
C GLU B 47 0.92 -31.23 -20.83
N TRP B 48 2.04 -31.66 -21.40
CA TRP B 48 3.29 -31.76 -20.65
C TRP B 48 3.97 -30.40 -20.64
N ALA B 49 4.43 -29.98 -19.46
CA ALA B 49 5.02 -28.67 -19.29
C ALA B 49 6.44 -28.78 -18.74
N PRO B 50 7.44 -28.22 -19.41
CA PRO B 50 8.80 -28.24 -18.85
C PRO B 50 8.87 -27.50 -17.53
N ILE B 51 9.59 -28.08 -16.58
CA ILE B 51 9.93 -27.39 -15.34
C ILE B 51 11.05 -26.39 -15.61
N LYS B 52 10.85 -25.15 -15.19
CA LYS B 52 11.85 -24.11 -15.41
C LYS B 52 12.68 -23.80 -14.17
N ALA B 53 12.19 -24.16 -12.99
CA ALA B 53 12.89 -23.99 -11.72
C ALA B 53 12.17 -24.83 -10.69
N ALA B 54 12.89 -25.19 -9.62
CA ALA B 54 12.33 -25.99 -8.54
C ALA B 54 13.12 -25.73 -7.26
N GLN B 55 12.42 -25.55 -6.15
CA GLN B 55 13.17 -25.34 -4.91
C GLN B 55 12.30 -25.57 -3.68
N LEU B 56 12.99 -25.79 -2.56
CA LEU B 56 12.39 -25.64 -1.23
C LEU B 56 12.20 -24.16 -0.97
N THR B 57 10.97 -23.66 -1.02
CA THR B 57 10.75 -22.23 -0.95
C THR B 57 10.52 -21.73 0.46
N ARG B 58 9.77 -22.47 1.26
CA ARG B 58 9.28 -21.98 2.55
C ARG B 58 9.49 -23.06 3.60
N PRO B 59 10.60 -23.02 4.33
CA PRO B 59 10.81 -24.02 5.38
C PRO B 59 9.82 -23.85 6.51
N ASN B 60 9.49 -24.96 7.16
CA ASN B 60 8.52 -25.05 8.24
C ASN B 60 7.35 -24.09 8.04
N ALA B 61 6.64 -24.28 6.93
CA ALA B 61 5.60 -23.35 6.52
C ALA B 61 4.25 -23.73 7.11
N GLU B 62 3.39 -22.73 7.29
CA GLU B 62 2.02 -23.01 7.69
C GLU B 62 1.29 -23.69 6.54
N LEU B 63 0.36 -24.58 6.89
CA LEU B 63 -0.25 -25.48 5.93
C LEU B 63 -1.73 -25.67 6.22
N VAL B 64 -2.46 -26.00 5.17
CA VAL B 64 -3.81 -26.55 5.26
C VAL B 64 -3.80 -27.88 4.52
N GLU B 65 -4.72 -28.77 4.90
CA GLU B 65 -5.01 -29.97 4.14
C GLU B 65 -6.38 -29.82 3.49
N LEU B 66 -6.45 -30.02 2.17
CA LEU B 66 -7.71 -30.00 1.43
C LEU B 66 -8.11 -31.43 1.14
N GLU B 67 -9.36 -31.78 1.40
CA GLU B 67 -9.97 -33.02 0.89
C GLU B 67 -10.94 -32.66 -0.22
N ILE B 68 -10.82 -33.35 -1.35
CA ILE B 68 -11.56 -33.01 -2.56
C ILE B 68 -12.31 -34.24 -3.01
N ASP B 69 -13.64 -34.12 -3.16
CA ASP B 69 -14.45 -35.22 -3.66
C ASP B 69 -14.27 -35.31 -5.17
N THR B 70 -14.00 -36.51 -5.69
CA THR B 70 -13.82 -36.71 -7.13
C THR B 70 -14.52 -38.00 -7.56
N LEU B 71 -14.64 -38.16 -8.88
CA LEU B 71 -15.22 -39.40 -9.39
C LEU B 71 -14.29 -40.59 -9.22
N HIS B 72 -13.08 -40.41 -8.70
CA HIS B 72 -12.26 -41.54 -8.27
C HIS B 72 -12.10 -41.60 -6.76
N GLY B 73 -12.88 -40.85 -6.01
CA GLY B 73 -12.83 -40.87 -4.56
C GLY B 73 -12.19 -39.61 -4.02
N VAL B 74 -11.90 -39.63 -2.72
CA VAL B 74 -11.34 -38.45 -2.08
C VAL B 74 -9.88 -38.30 -2.47
N LYS B 75 -9.49 -37.08 -2.84
CA LYS B 75 -8.09 -36.76 -3.04
C LYS B 75 -7.70 -35.66 -2.06
N THR B 76 -6.47 -35.71 -1.57
CA THR B 76 -6.04 -34.79 -0.53
CA THR B 76 -6.03 -34.81 -0.52
C THR B 76 -4.74 -34.12 -0.96
N ILE B 77 -4.61 -32.85 -0.61
CA ILE B 77 -3.39 -32.10 -0.86
C ILE B 77 -3.09 -31.25 0.38
N ARG B 78 -1.82 -31.17 0.73
CA ARG B 78 -1.36 -30.31 1.82
C ARG B 78 -0.49 -29.23 1.22
N CYS B 79 -0.91 -27.97 1.42
CA CYS B 79 -0.28 -26.83 0.77
C CYS B 79 -0.37 -25.62 1.69
N THR B 80 0.47 -24.63 1.43
CA THR B 80 0.38 -23.39 2.20
C THR B 80 -0.99 -22.77 1.97
N PRO B 81 -1.51 -22.00 2.95
CA PRO B 81 -2.87 -21.44 2.81
C PRO B 81 -3.01 -20.46 1.66
N ASP B 82 -1.91 -19.87 1.19
CA ASP B 82 -1.97 -18.93 0.08
C ASP B 82 -1.73 -19.61 -1.26
N HIS B 83 -1.52 -20.93 -1.28
CA HIS B 83 -1.26 -21.60 -2.57
C HIS B 83 -2.50 -21.54 -3.46
N PRO B 84 -2.40 -20.94 -4.66
CA PRO B 84 -3.59 -20.89 -5.53
C PRO B 84 -3.88 -22.24 -6.17
N VAL B 85 -5.17 -22.57 -6.20
CA VAL B 85 -5.68 -23.81 -6.80
C VAL B 85 -6.61 -23.40 -7.94
N TYR B 86 -6.50 -24.09 -9.08
CA TYR B 86 -7.29 -23.68 -10.22
C TYR B 86 -8.76 -24.01 -10.00
N THR B 87 -9.63 -23.08 -10.40
CA THR B 87 -11.06 -23.37 -10.50
C THR B 87 -11.57 -22.93 -11.88
N LYS B 88 -12.52 -23.70 -12.42
CA LYS B 88 -13.14 -23.34 -13.69
C LYS B 88 -14.04 -22.12 -13.58
N ASN B 89 -14.62 -21.88 -12.40
CA ASN B 89 -15.61 -20.81 -12.25
C ASN B 89 -15.01 -19.46 -11.87
N ARG B 90 -13.81 -19.42 -11.27
CA ARG B 90 -13.21 -18.12 -10.97
C ARG B 90 -11.69 -18.15 -11.01
N GLY B 91 -11.10 -19.04 -11.80
CA GLY B 91 -9.65 -19.08 -12.01
C GLY B 91 -8.91 -19.56 -10.76
N TYR B 92 -7.66 -19.10 -10.61
CA TYR B 92 -6.82 -19.58 -9.52
C TYR B 92 -7.21 -18.91 -8.21
N VAL B 93 -7.45 -19.71 -7.16
CA VAL B 93 -7.97 -19.21 -5.88
C VAL B 93 -7.11 -19.74 -4.75
N ARG B 94 -6.76 -18.87 -3.79
CA ARG B 94 -6.05 -19.31 -2.59
C ARG B 94 -6.70 -20.55 -1.99
N ALA B 95 -5.86 -21.50 -1.57
CA ALA B 95 -6.36 -22.72 -0.93
C ALA B 95 -7.31 -22.40 0.21
N ASP B 96 -7.02 -21.35 0.98
CA ASP B 96 -7.83 -21.03 2.15
C ASP B 96 -9.03 -20.16 1.80
N GLU B 97 -9.23 -19.85 0.52
CA GLU B 97 -10.42 -19.14 0.06
C GLU B 97 -11.39 -20.03 -0.69
N LEU B 98 -11.00 -21.25 -1.03
CA LEU B 98 -11.88 -22.15 -1.77
C LEU B 98 -13.13 -22.46 -0.96
N THR B 99 -14.23 -22.72 -1.67
CA THR B 99 -15.48 -23.18 -1.05
C THR B 99 -15.97 -24.41 -1.79
N ASP B 100 -17.00 -25.06 -1.23
CA ASP B 100 -17.55 -26.21 -1.93
C ASP B 100 -18.40 -25.82 -3.13
N ASP B 101 -18.51 -24.54 -3.48
CA ASP B 101 -19.12 -24.15 -4.74
C ASP B 101 -18.13 -24.06 -5.91
N ASP B 102 -16.84 -24.13 -5.65
CA ASP B 102 -15.83 -24.00 -6.71
C ASP B 102 -15.67 -25.32 -7.46
N GLU B 103 -15.31 -25.20 -8.73
CA GLU B 103 -15.14 -26.34 -9.62
C GLU B 103 -13.66 -26.58 -9.86
N LEU B 104 -13.08 -27.51 -9.11
CA LEU B 104 -11.68 -27.87 -9.23
C LEU B 104 -11.48 -28.79 -10.42
N VAL B 105 -10.24 -28.89 -10.88
CA VAL B 105 -9.94 -29.68 -12.08
C VAL B 105 -9.06 -30.85 -11.66
N VAL B 106 -9.50 -32.07 -11.98
CA VAL B 106 -8.86 -33.29 -11.53
C VAL B 106 -8.46 -34.10 -12.76
N ALA B 107 -7.24 -34.62 -12.75
CA ALA B 107 -6.78 -35.50 -13.82
C ALA B 107 -6.94 -36.95 -13.38
N ILE B 108 -7.54 -37.77 -14.22
CA ILE B 108 -7.65 -39.19 -13.94
C ILE B 108 -6.97 -39.97 -15.05
N MET B 109 -6.20 -40.98 -14.67
CA MET B 109 -5.44 -41.82 -15.59
CA MET B 109 -5.46 -41.81 -15.61
C MET B 109 -4.54 -40.99 -16.50
N GLU B 110 -4.21 -39.76 -16.08
CA GLU B 110 -3.28 -38.88 -16.77
C GLU B 110 -3.68 -38.61 -18.23
N ALA B 111 -4.96 -38.73 -18.56
CA ALA B 111 -5.41 -38.53 -19.93
C ALA B 111 -6.69 -37.72 -20.08
N LYS B 112 -7.44 -37.52 -19.00
CA LYS B 112 -8.74 -36.87 -19.04
C LYS B 112 -8.91 -36.06 -17.77
N THR B 113 -9.67 -34.97 -17.86
CA THR B 113 -9.94 -34.14 -16.69
C THR B 113 -11.42 -34.16 -16.37
N TYR B 114 -11.73 -34.11 -15.08
CA TYR B 114 -13.09 -33.97 -14.59
C TYR B 114 -13.10 -32.92 -13.50
N ILE B 115 -14.28 -32.58 -13.02
CA ILE B 115 -14.40 -31.55 -11.99
C ILE B 115 -14.44 -32.22 -10.62
N GLY B 116 -13.76 -31.61 -9.65
CA GLY B 116 -13.83 -32.09 -8.28
C GLY B 116 -14.38 -30.97 -7.40
N LYS B 117 -14.84 -31.28 -6.19
CA LYS B 117 -15.33 -30.24 -5.30
C LYS B 117 -14.74 -30.42 -3.91
N LEU B 118 -14.47 -29.30 -3.25
CA LEU B 118 -13.88 -29.30 -1.92
C LEU B 118 -14.83 -29.97 -0.93
N LYS B 119 -14.33 -31.00 -0.25
CA LYS B 119 -15.04 -31.68 0.82
C LYS B 119 -14.75 -31.07 2.19
N SER B 120 -13.49 -30.73 2.48
CA SER B 120 -13.16 -30.11 3.75
C SER B 120 -11.78 -29.48 3.66
N ARG B 121 -11.54 -28.51 4.54
CA ARG B 121 -10.22 -27.90 4.66
C ARG B 121 -9.91 -27.78 6.15
N LYS B 122 -8.69 -28.15 6.55
CA LYS B 122 -8.32 -28.04 7.95
C LYS B 122 -6.87 -27.64 8.05
N ILE B 123 -6.51 -27.01 9.16
CA ILE B 123 -5.11 -26.69 9.42
C ILE B 123 -4.39 -27.96 9.81
N VAL B 124 -3.15 -28.13 9.32
CA VAL B 124 -2.28 -29.20 9.77
C VAL B 124 -0.94 -28.59 10.19
N SER B 125 -0.10 -29.41 10.84
CA SER B 125 1.15 -28.90 11.39
C SER B 125 2.13 -28.51 10.28
N ASN B 126 2.99 -27.53 10.59
CA ASN B 126 3.92 -26.97 9.61
C ASN B 126 4.90 -28.02 9.08
N GLU B 127 5.33 -27.83 7.84
CA GLU B 127 6.37 -28.64 7.23
C GLU B 127 7.14 -27.78 6.23
N ASP B 128 8.32 -28.25 5.85
CA ASP B 128 9.01 -27.66 4.71
C ASP B 128 8.17 -27.82 3.46
N THR B 129 8.20 -26.82 2.59
CA THR B 129 7.36 -26.82 1.40
C THR B 129 8.18 -26.45 0.19
N TYR B 130 7.74 -26.96 -0.95
CA TYR B 130 8.50 -26.95 -2.18
C TYR B 130 7.61 -26.38 -3.29
N ASP B 131 8.23 -25.90 -4.37
CA ASP B 131 7.44 -25.53 -5.52
C ASP B 131 8.30 -25.59 -6.77
N ILE B 132 7.62 -25.57 -7.91
CA ILE B 132 8.25 -25.63 -9.23
C ILE B 132 7.58 -24.57 -10.08
N GLN B 133 8.33 -24.09 -11.07
CA GLN B 133 7.83 -23.18 -12.10
C GLN B 133 7.74 -23.95 -13.40
N THR B 134 6.62 -23.81 -14.10
CA THR B 134 6.37 -24.53 -15.35
C THR B 134 5.91 -23.55 -16.42
N SER B 135 6.01 -24.00 -17.68
CA SER B 135 5.66 -23.15 -18.82
C SER B 135 4.18 -22.79 -18.86
N THR B 136 3.31 -23.57 -18.20
CA THR B 136 1.89 -23.29 -18.18
C THR B 136 1.46 -22.52 -16.94
N HIS B 137 2.38 -22.23 -16.01
CA HIS B 137 2.03 -21.69 -14.70
C HIS B 137 1.07 -22.59 -13.93
N ASN B 138 1.08 -23.89 -14.22
CA ASN B 138 0.30 -24.82 -13.40
C ASN B 138 0.90 -26.22 -13.50
N PHE B 139 0.36 -27.12 -12.69
CA PHE B 139 0.64 -28.55 -12.78
C PHE B 139 -0.33 -29.28 -11.86
N PHE B 140 -0.45 -30.58 -12.10
CA PHE B 140 -1.29 -31.43 -11.26
C PHE B 140 -0.48 -31.93 -10.07
N ALA B 141 -1.02 -31.74 -8.87
CA ALA B 141 -0.42 -32.23 -7.64
C ALA B 141 -1.44 -33.14 -6.97
N ASN B 142 -1.07 -34.40 -6.74
CA ASN B 142 -2.02 -35.42 -6.29
C ASN B 142 -3.28 -35.38 -7.14
N ASP B 143 -3.10 -35.18 -8.45
CA ASP B 143 -4.16 -35.20 -9.47
C ASP B 143 -5.01 -33.94 -9.47
N ILE B 144 -4.65 -32.92 -8.69
CA ILE B 144 -5.41 -31.67 -8.57
C ILE B 144 -4.63 -30.56 -9.26
N LEU B 145 -5.30 -29.78 -10.12
CA LEU B 145 -4.60 -28.73 -10.85
C LEU B 145 -4.31 -27.53 -9.94
N VAL B 146 -3.02 -27.20 -9.78
CA VAL B 146 -2.62 -26.12 -8.89
C VAL B 146 -1.75 -25.13 -9.65
N HIS B 147 -1.60 -23.93 -9.10
CA HIS B 147 -0.82 -22.86 -9.72
C HIS B 147 0.68 -23.09 -9.49
N ALA B 148 1.47 -22.62 -10.45
CA ALA B 148 2.93 -22.67 -10.37
C ALA B 148 3.45 -21.25 -10.52
N SER B 149 4.01 -20.70 -9.44
CA SER B 149 4.51 -19.33 -9.49
C SER B 149 5.93 -19.31 -10.07
N GLU B 150 6.32 -18.15 -10.57
CA GLU B 150 7.69 -17.97 -11.05
C GLU B 150 8.65 -18.02 -9.87
N ILE B 151 9.77 -18.70 -10.06
CA ILE B 151 10.70 -18.94 -8.95
C ILE B 151 12.09 -18.44 -9.33
N GLY C 2 12.56 5.64 9.40
CA GLY C 2 12.74 6.72 10.34
C GLY C 2 13.17 6.26 11.72
N GLY C 3 12.21 6.06 12.61
CA GLY C 3 12.49 5.63 13.96
C GLY C 3 11.54 4.56 14.46
N ALA C 4 11.34 4.46 15.77
CA ALA C 4 10.47 3.41 16.30
C ALA C 4 9.95 3.85 17.66
N LEU C 5 9.02 3.06 18.19
CA LEU C 5 8.22 3.42 19.36
C LEU C 5 8.41 2.36 20.46
N VAL C 6 8.31 2.80 21.72
CA VAL C 6 8.33 1.80 22.79
C VAL C 6 7.09 0.92 22.70
N GLY C 7 7.21 -0.29 23.25
CA GLY C 7 6.18 -1.30 23.11
C GLY C 7 4.85 -0.93 23.72
N SER C 8 4.84 -0.10 24.75
CA SER C 8 3.59 0.27 25.41
C SER C 8 2.87 1.42 24.72
N SER C 9 3.39 1.93 23.61
CA SER C 9 2.67 2.97 22.87
C SER C 9 1.36 2.42 22.36
N GLU C 10 0.29 3.19 22.50
CA GLU C 10 -1.04 2.67 22.20
C GLU C 10 -1.48 3.08 20.80
N ILE C 11 -1.98 2.11 20.04
CA ILE C 11 -2.53 2.29 18.71
CA ILE C 11 -2.56 2.43 18.76
C ILE C 11 -4.04 2.06 18.79
N ILE C 12 -4.78 2.71 17.91
CA ILE C 12 -6.23 2.60 17.89
C ILE C 12 -6.58 1.67 16.74
N THR C 13 -7.03 0.46 17.07
CA THR C 13 -7.46 -0.47 16.03
C THR C 13 -8.97 -0.45 15.90
N ARG C 14 -9.45 -0.79 14.70
CA ARG C 14 -10.87 -0.69 14.39
C ARG C 14 -11.68 -1.65 15.26
N ASN C 15 -11.19 -2.87 15.43
CA ASN C 15 -11.95 -3.85 16.21
C ASN C 15 -11.57 -3.89 17.69
N TYR C 16 -10.30 -3.69 18.05
CA TYR C 16 -9.89 -3.88 19.44
C TYR C 16 -9.79 -2.58 20.23
N GLY C 17 -10.12 -1.43 19.63
CA GLY C 17 -9.86 -0.20 20.33
C GLY C 17 -8.37 -0.02 20.56
N LYS C 18 -8.02 0.71 21.62
CA LYS C 18 -6.62 0.98 21.92
C LYS C 18 -5.90 -0.32 22.28
N THR C 19 -4.74 -0.53 21.66
CA THR C 19 -3.92 -1.72 21.86
C THR C 19 -2.46 -1.29 21.76
N THR C 20 -1.60 -1.86 22.61
CA THR C 20 -0.20 -1.48 22.54
C THR C 20 0.43 -2.01 21.25
N ILE C 21 1.43 -1.28 20.74
CA ILE C 21 2.09 -1.69 19.51
C ILE C 21 2.76 -3.04 19.70
N LYS C 22 3.26 -3.33 20.92
CA LYS C 22 3.82 -4.65 21.18
C LYS C 22 2.75 -5.74 21.02
N GLU C 23 1.55 -5.50 21.56
CA GLU C 23 0.47 -6.48 21.41
C GLU C 23 0.06 -6.62 19.95
N VAL C 24 0.05 -5.50 19.22
CA VAL C 24 -0.24 -5.54 17.79
C VAL C 24 0.82 -6.35 17.05
N VAL C 25 2.09 -6.13 17.39
CA VAL C 25 3.17 -6.85 16.72
C VAL C 25 3.03 -8.36 16.94
N GLU C 26 2.48 -8.76 18.09
CA GLU C 26 2.25 -10.17 18.35
C GLU C 26 1.00 -10.67 17.62
N ILE C 27 -0.11 -9.93 17.72
CA ILE C 27 -1.33 -10.29 17.00
C ILE C 27 -1.08 -10.41 15.51
N PHE C 28 -0.35 -9.44 14.94
CA PHE C 28 -0.27 -9.32 13.49
C PHE C 28 0.35 -10.57 12.87
N ASP C 29 -0.17 -10.94 11.70
CA ASP C 29 0.17 -12.19 11.03
C ASP C 29 -0.20 -12.05 9.55
N ASN C 30 0.20 -13.05 8.77
CA ASN C 30 -0.34 -13.17 7.42
C ASN C 30 -1.79 -13.63 7.43
N ASP C 31 -2.24 -14.21 8.54
CA ASP C 31 -3.61 -14.69 8.72
C ASP C 31 -4.48 -13.68 9.47
N LYS C 32 -4.09 -12.40 9.49
CA LYS C 32 -4.71 -11.41 10.35
C LYS C 32 -4.71 -10.06 9.65
N ASN C 33 -5.87 -9.41 9.63
CA ASN C 33 -6.04 -8.10 8.99
C ASN C 33 -6.40 -7.07 10.04
N ILE C 34 -5.57 -6.04 10.16
CA ILE C 34 -5.73 -5.02 11.21
C ILE C 34 -5.68 -3.64 10.55
N GLN C 35 -6.68 -2.82 10.84
CA GLN C 35 -6.68 -1.43 10.43
C GLN C 35 -6.53 -0.55 11.66
N VAL C 36 -5.78 0.53 11.52
CA VAL C 36 -5.49 1.44 12.64
C VAL C 36 -5.89 2.85 12.25
N LEU C 37 -6.17 3.68 13.26
CA LEU C 37 -6.53 5.07 13.00
C LEU C 37 -5.32 5.80 12.45
N ALA C 38 -5.51 6.49 11.32
CA ALA C 38 -4.41 7.14 10.62
C ALA C 38 -4.94 8.39 9.92
N PHE C 39 -4.10 9.00 9.08
CA PHE C 39 -4.45 10.25 8.45
C PHE C 39 -4.09 10.19 6.97
N ASN C 40 -5.09 10.34 6.12
CA ASN C 40 -4.87 10.30 4.69
C ASN C 40 -4.48 11.70 4.26
N THR C 41 -3.20 11.90 3.92
CA THR C 41 -2.72 13.22 3.55
C THR C 41 -3.26 13.67 2.20
N HIS C 42 -3.83 12.78 1.40
CA HIS C 42 -4.38 13.18 0.10
C HIS C 42 -5.82 13.70 0.24
N THR C 43 -6.64 13.03 1.03
CA THR C 43 -8.00 13.51 1.31
C THR C 43 -8.06 14.48 2.48
N ASP C 44 -6.95 14.61 3.23
CA ASP C 44 -6.87 15.44 4.42
C ASP C 44 -7.93 15.04 5.45
N ASN C 45 -8.12 13.73 5.63
CA ASN C 45 -9.09 13.22 6.60
C ASN C 45 -8.47 12.10 7.41
N ILE C 46 -8.92 12.01 8.67
CA ILE C 46 -8.67 10.81 9.45
C ILE C 46 -9.35 9.63 8.77
N GLU C 47 -8.63 8.52 8.62
CA GLU C 47 -9.15 7.32 8.00
C GLU C 47 -8.53 6.09 8.68
N TRP C 48 -9.24 4.97 8.55
CA TRP C 48 -8.72 3.66 8.91
C TRP C 48 -7.75 3.19 7.84
N ALA C 49 -6.60 2.67 8.26
CA ALA C 49 -5.53 2.28 7.35
C ALA C 49 -5.04 0.89 7.73
N PRO C 50 -4.95 -0.04 6.77
CA PRO C 50 -4.46 -1.39 7.10
C PRO C 50 -2.99 -1.40 7.46
N ILE C 51 -2.66 -2.24 8.44
CA ILE C 51 -1.27 -2.55 8.75
C ILE C 51 -0.71 -3.47 7.67
N LYS C 52 0.45 -3.10 7.13
CA LYS C 52 1.14 -3.94 6.17
C LYS C 52 2.28 -4.73 6.79
N ALA C 53 2.90 -4.21 7.85
CA ALA C 53 4.00 -4.89 8.53
C ALA C 53 4.07 -4.37 9.96
N ALA C 54 4.65 -5.18 10.85
CA ALA C 54 4.78 -4.80 12.25
C ALA C 54 5.89 -5.63 12.89
N GLN C 55 6.82 -4.98 13.60
CA GLN C 55 7.94 -5.76 14.13
C GLN C 55 8.69 -4.96 15.19
N LEU C 56 9.51 -5.66 15.96
CA LEU C 56 10.53 -5.02 16.77
C LEU C 56 11.71 -4.71 15.84
N THR C 57 12.05 -3.43 15.69
CA THR C 57 13.11 -3.02 14.76
C THR C 57 14.43 -2.76 15.45
N ARG C 58 14.44 -1.91 16.47
CA ARG C 58 15.68 -1.40 17.07
C ARG C 58 15.73 -1.78 18.53
N PRO C 59 16.45 -2.85 18.89
CA PRO C 59 16.54 -3.24 20.30
C PRO C 59 17.34 -2.24 21.12
N ASN C 60 16.97 -2.11 22.39
CA ASN C 60 17.65 -1.27 23.38
C ASN C 60 18.01 0.11 22.80
N ALA C 61 17.01 0.74 22.22
CA ALA C 61 17.20 2.00 21.53
C ALA C 61 17.23 3.18 22.49
N GLU C 62 17.99 4.21 22.14
CA GLU C 62 17.90 5.46 22.87
C GLU C 62 16.58 6.15 22.56
N LEU C 63 16.07 6.88 23.54
CA LEU C 63 14.69 7.35 23.50
C LEU C 63 14.58 8.77 24.02
N VAL C 64 13.54 9.47 23.57
CA VAL C 64 13.03 10.67 24.21
C VAL C 64 11.58 10.44 24.57
N GLU C 65 11.08 11.28 25.48
CA GLU C 65 9.67 11.34 25.81
C GLU C 65 9.16 12.72 25.43
N LEU C 66 8.11 12.76 24.61
CA LEU C 66 7.45 14.01 24.24
C LEU C 66 6.20 14.18 25.06
N GLU C 67 5.97 15.40 25.55
CA GLU C 67 4.69 15.82 26.12
C GLU C 67 4.05 16.84 25.19
N ILE C 68 2.79 16.59 24.83
CA ILE C 68 2.08 17.37 23.81
CA ILE C 68 2.09 17.38 23.83
C ILE C 68 0.79 17.90 24.43
N ASP C 69 0.65 19.22 24.50
CA ASP C 69 -0.55 19.82 25.07
C ASP C 69 -1.66 19.90 24.02
N THR C 70 -2.88 19.60 24.45
CA THR C 70 -4.07 19.72 23.61
C THR C 70 -5.21 20.25 24.46
N LEU C 71 -6.32 20.59 23.80
CA LEU C 71 -7.53 20.95 24.53
C LEU C 71 -8.09 19.78 25.34
N HIS C 72 -7.72 18.54 24.99
CA HIS C 72 -8.17 17.35 25.69
C HIS C 72 -7.25 16.95 26.84
N GLY C 73 -6.11 17.62 27.00
CA GLY C 73 -5.11 17.25 27.98
C GLY C 73 -3.79 16.89 27.32
N VAL C 74 -2.84 16.53 28.16
CA VAL C 74 -1.47 16.30 27.70
C VAL C 74 -1.35 14.88 27.16
N LYS C 75 -0.80 14.75 25.97
CA LYS C 75 -0.52 13.45 25.37
C LYS C 75 0.98 13.20 25.48
N THR C 76 1.37 11.98 25.86
CA THR C 76 2.78 11.65 26.03
CA THR C 76 2.77 11.65 26.03
C THR C 76 3.13 10.46 25.15
N ILE C 77 4.34 10.49 24.58
CA ILE C 77 4.82 9.39 23.73
C ILE C 77 6.32 9.23 23.95
N ARG C 78 6.76 7.98 23.94
CA ARG C 78 8.19 7.65 24.04
C ARG C 78 8.63 7.02 22.72
N CYS C 79 9.62 7.63 22.08
CA CYS C 79 10.04 7.24 20.74
C CYS C 79 11.53 7.53 20.57
N THR C 80 12.12 6.92 19.53
CA THR C 80 13.50 7.23 19.23
C THR C 80 13.60 8.70 18.81
N PRO C 81 14.75 9.35 19.06
CA PRO C 81 14.87 10.78 18.76
C PRO C 81 14.74 11.08 17.28
N ASP C 82 14.99 10.11 16.42
CA ASP C 82 14.84 10.30 14.98
C ASP C 82 13.45 9.95 14.48
N HIS C 83 12.53 9.58 15.35
CA HIS C 83 11.21 9.17 14.85
C HIS C 83 10.47 10.37 14.30
N PRO C 84 10.00 10.34 13.05
CA PRO C 84 9.32 11.52 12.50
C PRO C 84 7.90 11.64 13.03
N VAL C 85 7.54 12.86 13.42
CA VAL C 85 6.22 13.20 13.93
C VAL C 85 5.60 14.18 12.95
N TYR C 86 4.31 13.99 12.63
CA TYR C 86 3.67 14.85 11.64
C TYR C 86 3.46 16.26 12.18
N THR C 87 3.73 17.25 11.33
CA THR C 87 3.39 18.64 11.61
C THR C 87 2.64 19.20 10.42
N LYS C 88 1.64 20.05 10.69
CA LYS C 88 0.95 20.69 9.59
C LYS C 88 1.81 21.72 8.88
N ASN C 89 2.82 22.27 9.55
CA ASN C 89 3.53 23.42 9.00
C ASN C 89 4.81 23.04 8.28
N ARG C 90 5.38 21.86 8.53
CA ARG C 90 6.60 21.51 7.82
C ARG C 90 6.74 20.00 7.62
N GLY C 91 5.62 19.28 7.59
CA GLY C 91 5.65 17.85 7.31
C GLY C 91 6.12 17.02 8.49
N TYR C 92 6.63 15.84 8.19
CA TYR C 92 7.13 14.95 9.24
C TYR C 92 8.49 15.46 9.72
N VAL C 93 8.62 15.62 11.04
CA VAL C 93 9.83 16.17 11.64
C VAL C 93 10.33 15.22 12.71
N ARG C 94 11.65 15.00 12.73
CA ARG C 94 12.27 14.21 13.80
C ARG C 94 11.77 14.66 15.16
N ALA C 95 11.50 13.68 16.03
CA ALA C 95 11.07 13.99 17.39
C ALA C 95 12.02 14.95 18.08
N ASP C 96 13.32 14.80 17.85
CA ASP C 96 14.26 15.66 18.55
C ASP C 96 14.46 17.02 17.87
N GLU C 97 13.74 17.30 16.78
CA GLU C 97 13.78 18.61 16.12
C GLU C 97 12.52 19.43 16.35
N LEU C 98 11.48 18.85 16.92
CA LEU C 98 10.22 19.55 17.12
C LEU C 98 10.41 20.75 18.06
N THR C 99 9.64 21.81 17.81
CA THR C 99 9.61 22.95 18.72
C THR C 99 8.16 23.26 19.07
N ASP C 100 7.95 24.19 20.00
CA ASP C 100 6.58 24.55 20.34
C ASP C 100 5.94 25.45 19.30
N ASP C 101 6.61 25.76 18.19
CA ASP C 101 5.93 26.44 17.10
C ASP C 101 5.28 25.48 16.12
N ASP C 102 5.59 24.19 16.18
CA ASP C 102 5.05 23.23 15.22
C ASP C 102 3.60 22.90 15.57
N GLU C 103 2.81 22.59 14.53
CA GLU C 103 1.40 22.25 14.69
C GLU C 103 1.25 20.74 14.54
N LEU C 104 1.12 20.05 15.65
CA LEU C 104 0.94 18.60 15.64
C LEU C 104 -0.54 18.26 15.51
N VAL C 105 -0.81 17.00 15.12
CA VAL C 105 -2.17 16.54 14.84
C VAL C 105 -2.50 15.43 15.84
N VAL C 106 -3.56 15.64 16.61
CA VAL C 106 -4.00 14.71 17.65
C VAL C 106 -5.42 14.23 17.29
N ALA C 107 -5.71 12.95 17.56
CA ALA C 107 -7.05 12.43 17.32
C ALA C 107 -7.28 11.18 18.14
N ILE C 108 -8.54 10.96 18.49
CA ILE C 108 -8.94 9.72 19.17
C ILE C 108 -9.96 8.93 18.38
N MET C 109 -10.52 9.50 17.32
CA MET C 109 -11.50 8.83 16.48
C MET C 109 -11.60 9.63 15.19
N GLU C 110 -12.36 9.11 14.23
CA GLU C 110 -12.31 9.73 12.91
C GLU C 110 -13.00 11.09 12.86
N ALA C 111 -13.79 11.45 13.87
CA ALA C 111 -14.64 12.63 13.75
C ALA C 111 -13.87 13.95 13.77
N LYS C 112 -12.69 14.03 14.38
CA LYS C 112 -12.08 15.34 14.59
CA LYS C 112 -12.07 15.34 14.56
C LYS C 112 -10.60 15.21 14.88
N THR C 113 -9.81 16.15 14.35
CA THR C 113 -8.43 16.36 14.76
C THR C 113 -8.37 17.53 15.74
N TYR C 114 -7.33 17.53 16.57
CA TYR C 114 -7.00 18.61 17.50
C TYR C 114 -5.58 19.04 17.23
N ILE C 115 -5.28 20.31 17.48
CA ILE C 115 -3.89 20.75 17.35
C ILE C 115 -3.13 20.38 18.61
N GLY C 116 -1.94 19.83 18.44
CA GLY C 116 -1.03 19.57 19.54
C GLY C 116 0.13 20.55 19.50
N LYS C 117 0.62 20.93 20.68
CA LYS C 117 1.79 21.80 20.79
C LYS C 117 2.78 21.15 21.75
N LEU C 118 4.05 21.10 21.34
CA LEU C 118 5.08 20.49 22.17
C LEU C 118 5.16 21.21 23.51
N LYS C 119 5.00 20.45 24.59
CA LYS C 119 5.15 20.98 25.93
C LYS C 119 6.56 20.75 26.46
N SER C 120 7.09 19.54 26.29
CA SER C 120 8.47 19.27 26.71
C SER C 120 8.97 18.04 25.98
N ARG C 121 10.29 17.93 25.93
CA ARG C 121 10.97 16.75 25.41
C ARG C 121 12.15 16.46 26.34
N LYS C 122 12.32 15.20 26.72
CA LYS C 122 13.41 14.85 27.62
C LYS C 122 13.91 13.46 27.26
N ILE C 123 15.15 13.17 27.64
CA ILE C 123 15.67 11.82 27.45
C ILE C 123 15.08 10.89 28.51
N VAL C 124 14.78 9.65 28.11
CA VAL C 124 14.42 8.57 29.03
C VAL C 124 15.30 7.35 28.72
N SER C 125 15.26 6.36 29.61
CA SER C 125 16.16 5.22 29.51
C SER C 125 15.80 4.35 28.30
N ASN C 126 16.79 3.60 27.80
CA ASN C 126 16.65 2.82 26.57
C ASN C 126 15.59 1.72 26.73
N GLU C 127 14.90 1.42 25.62
CA GLU C 127 14.00 0.28 25.55
C GLU C 127 14.07 -0.31 24.14
N ASP C 128 13.62 -1.56 24.02
CA ASP C 128 13.33 -2.11 22.69
C ASP C 128 12.20 -1.33 22.05
N THR C 129 12.27 -1.16 20.73
CA THR C 129 11.32 -0.31 20.03
C THR C 129 10.75 -1.03 18.81
N TYR C 130 9.53 -0.64 18.45
CA TYR C 130 8.72 -1.34 17.47
C TYR C 130 8.21 -0.35 16.44
N ASP C 131 7.84 -0.86 15.27
CA ASP C 131 7.16 0.02 14.32
C ASP C 131 6.24 -0.80 13.45
N ILE C 132 5.35 -0.08 12.75
CA ILE C 132 4.43 -0.68 11.81
C ILE C 132 4.49 0.12 10.52
N GLN C 133 4.09 -0.53 9.44
CA GLN C 133 3.93 0.08 8.13
C GLN C 133 2.44 0.09 7.80
N THR C 134 1.94 1.24 7.33
CA THR C 134 0.53 1.39 6.98
C THR C 134 0.39 1.94 5.56
N SER C 135 -0.83 1.82 5.01
CA SER C 135 -1.05 2.33 3.65
C SER C 135 -0.91 3.85 3.56
N THR C 136 -1.20 4.58 4.65
CA THR C 136 -1.08 6.04 4.65
C THR C 136 0.31 6.53 4.98
N HIS C 137 1.22 5.64 5.39
CA HIS C 137 2.56 5.97 5.90
C HIS C 137 2.50 6.75 7.21
N ASN C 138 1.41 6.62 7.96
CA ASN C 138 1.35 7.22 9.29
C ASN C 138 0.33 6.46 10.12
N PHE C 139 0.19 6.84 11.39
CA PHE C 139 -0.84 6.32 12.28
C PHE C 139 -0.78 7.13 13.57
N PHE C 140 -1.86 7.08 14.32
CA PHE C 140 -1.94 7.74 15.61
C PHE C 140 -1.36 6.83 16.70
N ALA C 141 -0.38 7.34 17.45
CA ALA C 141 0.23 6.61 18.55
C ALA C 141 0.08 7.46 19.81
N ASN C 142 -0.58 6.91 20.82
CA ASN C 142 -0.98 7.68 22.01
C ASN C 142 -1.71 8.96 21.59
N ASP C 143 -2.50 8.85 20.53
CA ASP C 143 -3.36 9.88 19.94
C ASP C 143 -2.59 10.92 19.14
N ILE C 144 -1.30 10.72 18.89
CA ILE C 144 -0.45 11.70 18.19
C ILE C 144 -0.09 11.11 16.82
N LEU C 145 -0.22 11.91 15.77
CA LEU C 145 0.06 11.41 14.41
C LEU C 145 1.56 11.32 14.16
N VAL C 146 2.06 10.11 13.88
CA VAL C 146 3.47 9.85 13.67
C VAL C 146 3.67 9.11 12.35
N HIS C 147 4.90 9.17 11.85
CA HIS C 147 5.24 8.57 10.56
C HIS C 147 5.36 7.05 10.72
N ALA C 148 4.97 6.32 9.67
CA ALA C 148 5.11 4.87 9.63
C ALA C 148 6.16 4.51 8.58
N SER C 149 7.16 3.75 8.99
CA SER C 149 8.26 3.37 8.12
C SER C 149 7.91 2.16 7.27
N GLU C 150 8.72 1.94 6.23
CA GLU C 150 8.64 0.73 5.43
C GLU C 150 9.41 -0.37 6.15
N ILE C 151 8.74 -1.48 6.44
CA ILE C 151 9.35 -2.56 7.21
C ILE C 151 9.38 -3.85 6.38
N GLY D 2 10.35 16.17 1.55
CA GLY D 2 9.38 17.25 1.69
C GLY D 2 9.51 18.24 0.55
N GLY D 3 9.51 19.53 0.89
CA GLY D 3 9.60 20.56 -0.13
C GLY D 3 10.89 20.50 -0.90
N ALA D 4 10.89 21.14 -2.06
CA ALA D 4 12.06 21.16 -2.91
C ALA D 4 12.09 22.47 -3.69
N LEU D 5 13.21 22.74 -4.35
CA LEU D 5 13.47 24.04 -4.97
C LEU D 5 13.85 23.87 -6.44
N VAL D 6 13.56 24.90 -7.24
CA VAL D 6 14.00 24.88 -8.64
C VAL D 6 15.53 24.86 -8.69
N GLY D 7 16.05 24.37 -9.82
CA GLY D 7 17.48 24.11 -9.92
C GLY D 7 18.34 25.35 -9.87
N SER D 8 17.80 26.50 -10.25
CA SER D 8 18.57 27.73 -10.27
C SER D 8 18.58 28.44 -8.92
N SER D 9 17.92 27.89 -7.90
CA SER D 9 17.98 28.45 -6.55
C SER D 9 19.42 28.51 -6.09
N GLU D 10 19.83 29.66 -5.57
CA GLU D 10 21.22 29.92 -5.24
C GLU D 10 21.51 29.53 -3.80
N ILE D 11 22.58 28.75 -3.62
CA ILE D 11 23.08 28.33 -2.31
C ILE D 11 24.41 29.03 -2.09
N ILE D 12 24.69 29.40 -0.84
CA ILE D 12 25.98 29.98 -0.47
C ILE D 12 26.80 28.88 0.19
N THR D 13 27.79 28.36 -0.54
CA THR D 13 28.69 27.34 -0.02
C THR D 13 29.96 27.98 0.50
N ARG D 14 30.57 27.31 1.47
CA ARG D 14 31.79 27.85 2.07
C ARG D 14 32.96 27.78 1.10
N ASN D 15 33.06 26.70 0.33
CA ASN D 15 34.24 26.42 -0.46
C ASN D 15 34.07 26.65 -1.96
N TYR D 16 32.84 26.84 -2.45
CA TYR D 16 32.60 27.07 -3.87
C TYR D 16 31.87 28.38 -4.15
N GLY D 17 31.74 29.26 -3.17
CA GLY D 17 30.98 30.50 -3.35
C GLY D 17 29.50 30.23 -3.61
N LYS D 18 28.83 31.26 -4.11
CA LYS D 18 27.43 31.12 -4.50
C LYS D 18 27.30 30.14 -5.66
N THR D 19 26.39 29.18 -5.50
CA THR D 19 26.25 28.05 -6.40
C THR D 19 24.77 27.68 -6.45
N THR D 20 24.26 27.41 -7.65
CA THR D 20 22.88 26.95 -7.74
C THR D 20 22.76 25.54 -7.17
N ILE D 21 21.56 25.22 -6.67
CA ILE D 21 21.39 23.94 -5.99
C ILE D 21 21.56 22.78 -6.97
N LYS D 22 21.24 22.98 -8.25
CA LYS D 22 21.48 21.93 -9.23
C LYS D 22 22.97 21.63 -9.36
N GLU D 23 23.81 22.68 -9.33
CA GLU D 23 25.25 22.44 -9.39
C GLU D 23 25.74 21.79 -8.10
N VAL D 24 25.18 22.18 -6.95
CA VAL D 24 25.55 21.57 -5.69
C VAL D 24 25.27 20.07 -5.74
N VAL D 25 24.11 19.68 -6.28
CA VAL D 25 23.76 18.27 -6.38
C VAL D 25 24.77 17.53 -7.24
N GLU D 26 25.25 18.15 -8.31
CA GLU D 26 26.25 17.51 -9.15
C GLU D 26 27.60 17.46 -8.46
N ILE D 27 27.95 18.51 -7.72
CA ILE D 27 29.23 18.52 -7.00
C ILE D 27 29.23 17.48 -5.88
N PHE D 28 28.11 17.38 -5.16
CA PHE D 28 28.02 16.43 -4.06
C PHE D 28 28.14 14.98 -4.51
N ASP D 29 28.05 14.71 -5.81
CA ASP D 29 28.22 13.35 -6.31
C ASP D 29 29.63 12.82 -6.10
N ASN D 30 30.62 13.70 -5.91
CA ASN D 30 32.00 13.31 -5.68
C ASN D 30 32.55 13.87 -4.37
N ASP D 31 32.40 15.17 -4.14
CA ASP D 31 32.89 15.81 -2.92
C ASP D 31 31.78 15.80 -1.87
N LYS D 32 32.04 15.11 -0.75
CA LYS D 32 31.06 15.00 0.32
C LYS D 32 31.31 16.01 1.44
N ASN D 33 32.24 16.94 1.25
CA ASN D 33 32.63 17.90 2.28
C ASN D 33 32.25 19.31 1.80
N ILE D 34 30.96 19.62 1.85
CA ILE D 34 30.44 20.94 1.48
C ILE D 34 29.71 21.52 2.66
N GLN D 35 29.94 22.80 2.93
CA GLN D 35 29.22 23.53 3.97
C GLN D 35 28.42 24.66 3.32
N VAL D 36 27.23 24.92 3.85
CA VAL D 36 26.33 25.90 3.28
C VAL D 36 25.90 26.86 4.37
N LEU D 37 25.67 28.11 3.99
CA LEU D 37 25.23 29.12 4.94
C LEU D 37 23.84 28.72 5.44
N ALA D 38 23.73 28.56 6.76
CA ALA D 38 22.50 28.14 7.41
C ALA D 38 22.34 28.95 8.69
N PHE D 39 21.40 28.55 9.54
CA PHE D 39 21.02 29.38 10.68
C PHE D 39 20.73 28.49 11.88
N ASN D 40 21.27 28.87 13.04
CA ASN D 40 20.99 28.19 14.29
C ASN D 40 19.75 28.82 14.90
N THR D 41 18.63 28.11 14.87
CA THR D 41 17.38 28.67 15.39
C THR D 41 17.35 28.75 16.91
N HIS D 42 18.33 28.17 17.59
CA HIS D 42 18.39 28.22 19.05
C HIS D 42 19.14 29.47 19.53
N THR D 43 20.32 29.74 18.97
CA THR D 43 21.07 30.94 19.29
C THR D 43 20.79 32.11 18.34
N ASP D 44 20.01 31.88 17.29
CA ASP D 44 19.70 32.91 16.30
C ASP D 44 20.97 33.46 15.64
N ASN D 45 21.89 32.57 15.30
CA ASN D 45 23.12 32.94 14.64
C ASN D 45 23.29 32.20 13.32
N ILE D 46 23.87 32.90 12.34
CA ILE D 46 24.27 32.27 11.09
C ILE D 46 25.34 31.24 11.37
N GLU D 47 25.22 30.06 10.75
CA GLU D 47 26.21 29.01 10.91
C GLU D 47 26.52 28.38 9.56
N TRP D 48 27.72 27.82 9.44
CA TRP D 48 28.05 26.97 8.30
C TRP D 48 27.59 25.56 8.59
N ALA D 49 26.84 24.97 7.67
CA ALA D 49 26.26 23.65 7.91
C ALA D 49 26.76 22.66 6.87
N PRO D 50 27.34 21.53 7.30
CA PRO D 50 27.71 20.49 6.34
C PRO D 50 26.49 19.92 5.64
N ILE D 51 26.63 19.69 4.34
CA ILE D 51 25.58 19.03 3.55
C ILE D 51 25.65 17.53 3.81
N LYS D 52 24.51 16.94 4.19
CA LYS D 52 24.42 15.50 4.42
C LYS D 52 23.98 14.73 3.20
N ALA D 53 23.14 15.34 2.35
CA ALA D 53 22.62 14.69 1.16
C ALA D 53 22.15 15.77 0.20
N ALA D 54 22.14 15.44 -1.10
CA ALA D 54 21.75 16.39 -2.14
C ALA D 54 21.27 15.61 -3.36
N GLN D 55 20.10 15.97 -3.88
CA GLN D 55 19.56 15.21 -5.01
C GLN D 55 18.41 15.97 -5.64
N LEU D 56 18.03 15.50 -6.83
CA LEU D 56 16.75 15.87 -7.46
C LEU D 56 15.69 14.95 -6.84
N THR D 57 14.75 15.54 -6.11
CA THR D 57 13.75 14.76 -5.40
C THR D 57 12.41 14.67 -6.13
N ARG D 58 11.88 15.80 -6.61
CA ARG D 58 10.57 15.82 -7.24
C ARG D 58 10.70 16.29 -8.68
N PRO D 59 10.74 15.39 -9.65
CA PRO D 59 10.68 15.84 -11.04
C PRO D 59 9.32 16.42 -11.35
N ASN D 60 9.32 17.43 -12.21
CA ASN D 60 8.08 18.05 -12.72
C ASN D 60 7.12 18.40 -11.58
N ALA D 61 7.63 19.14 -10.60
CA ALA D 61 6.86 19.47 -9.41
C ALA D 61 6.01 20.71 -9.62
N GLU D 62 4.87 20.76 -8.94
CA GLU D 62 4.12 22.00 -8.86
C GLU D 62 4.87 23.01 -8.00
N LEU D 63 4.70 24.29 -8.32
CA LEU D 63 5.54 25.34 -7.78
C LEU D 63 4.74 26.60 -7.50
N VAL D 64 5.28 27.42 -6.57
CA VAL D 64 4.88 28.80 -6.42
C VAL D 64 6.16 29.64 -6.51
N GLU D 65 6.00 30.91 -6.86
CA GLU D 65 7.07 31.89 -6.77
C GLU D 65 6.72 32.87 -5.66
N LEU D 66 7.61 33.02 -4.68
CA LEU D 66 7.45 34.00 -3.62
C LEU D 66 8.28 35.22 -3.98
N GLU D 67 7.71 36.40 -3.82
CA GLU D 67 8.47 37.65 -3.84
C GLU D 67 8.54 38.18 -2.42
N ILE D 68 9.75 38.49 -1.95
CA ILE D 68 10.02 38.87 -0.57
C ILE D 68 10.65 40.27 -0.56
N ASP D 69 9.98 41.23 0.07
CA ASP D 69 10.56 42.56 0.24
C ASP D 69 11.64 42.51 1.31
N THR D 70 12.80 43.14 1.04
CA THR D 70 13.90 43.15 2.01
C THR D 70 14.60 44.51 1.94
N LEU D 71 15.57 44.71 2.85
CA LEU D 71 16.32 45.96 2.84
C LEU D 71 17.30 46.06 1.67
N HIS D 72 17.47 44.98 0.89
CA HIS D 72 18.22 45.03 -0.35
C HIS D 72 17.33 44.95 -1.60
N GLY D 73 16.03 45.14 -1.45
CA GLY D 73 15.12 45.02 -2.55
C GLY D 73 14.36 43.70 -2.52
N VAL D 74 13.86 43.31 -3.66
CA VAL D 74 13.01 42.12 -3.76
C VAL D 74 13.89 40.89 -3.98
N LYS D 75 13.66 39.85 -3.20
CA LYS D 75 14.24 38.55 -3.44
C LYS D 75 13.13 37.59 -3.84
N THR D 76 13.44 36.67 -4.74
CA THR D 76 12.43 35.76 -5.24
C THR D 76 12.93 34.33 -5.09
N ILE D 77 11.99 33.41 -4.84
CA ILE D 77 12.30 32.00 -4.73
C ILE D 77 11.16 31.21 -5.36
N ARG D 78 11.50 30.17 -6.11
CA ARG D 78 10.53 29.26 -6.70
C ARG D 78 10.68 27.91 -6.03
N CYS D 79 9.62 27.47 -5.36
CA CYS D 79 9.67 26.29 -4.52
C CYS D 79 8.33 25.57 -4.60
N THR D 80 8.31 24.30 -4.17
CA THR D 80 7.04 23.60 -4.11
C THR D 80 6.14 24.26 -3.05
N PRO D 81 4.82 24.20 -3.22
CA PRO D 81 3.93 24.92 -2.27
C PRO D 81 4.05 24.45 -0.85
N ASP D 82 4.52 23.22 -0.61
CA ASP D 82 4.67 22.71 0.74
C ASP D 82 6.03 23.01 1.34
N HIS D 83 6.92 23.65 0.60
CA HIS D 83 8.25 23.91 1.12
C HIS D 83 8.18 24.86 2.32
N PRO D 84 8.61 24.45 3.50
CA PRO D 84 8.53 25.34 4.67
C PRO D 84 9.61 26.40 4.66
N VAL D 85 9.21 27.61 5.04
CA VAL D 85 10.08 28.80 5.13
C VAL D 85 10.09 29.26 6.57
N TYR D 86 11.27 29.61 7.09
CA TYR D 86 11.35 29.96 8.51
C TYR D 86 10.72 31.32 8.77
N THR D 87 9.96 31.42 9.87
CA THR D 87 9.51 32.71 10.38
C THR D 87 9.92 32.87 11.84
N LYS D 88 10.33 34.09 12.20
CA LYS D 88 10.66 34.37 13.59
C LYS D 88 9.41 34.39 14.46
N ASN D 89 8.25 34.70 13.86
CA ASN D 89 7.06 34.86 14.67
C ASN D 89 6.34 33.56 14.94
N ARG D 90 6.43 32.57 14.04
CA ARG D 90 5.70 31.33 14.28
C ARG D 90 6.41 30.09 13.76
N GLY D 91 7.75 30.11 13.65
CA GLY D 91 8.44 28.92 13.19
C GLY D 91 8.31 28.69 11.69
N TYR D 92 8.62 27.46 11.27
CA TYR D 92 8.54 27.15 9.85
C TYR D 92 7.09 27.15 9.39
N VAL D 93 6.86 27.66 8.19
CA VAL D 93 5.53 27.80 7.60
C VAL D 93 5.61 27.36 6.14
N ARG D 94 4.64 26.54 5.69
CA ARG D 94 4.54 26.19 4.28
C ARG D 94 4.55 27.44 3.41
N ALA D 95 5.32 27.39 2.32
CA ALA D 95 5.31 28.50 1.36
C ALA D 95 3.90 28.97 1.01
N ASP D 96 2.97 28.03 0.79
CA ASP D 96 1.64 28.44 0.35
C ASP D 96 0.76 28.94 1.49
N GLU D 97 1.28 29.03 2.71
CA GLU D 97 0.54 29.59 3.84
C GLU D 97 1.21 30.79 4.50
N LEU D 98 2.37 31.22 4.00
CA LEU D 98 2.91 32.51 4.44
C LEU D 98 1.91 33.63 4.21
N THR D 99 1.92 34.62 5.10
CA THR D 99 1.16 35.86 4.92
C THR D 99 2.11 37.04 5.05
N ASP D 100 1.62 38.24 4.73
CA ASP D 100 2.51 39.40 4.82
C ASP D 100 2.75 39.86 6.24
N ASP D 101 2.25 39.14 7.24
CA ASP D 101 2.60 39.46 8.62
C ASP D 101 3.75 38.61 9.14
N ASP D 102 4.16 37.57 8.42
CA ASP D 102 5.25 36.72 8.90
C ASP D 102 6.60 37.41 8.73
N GLU D 103 7.52 37.09 9.64
CA GLU D 103 8.86 37.67 9.66
C GLU D 103 9.84 36.62 9.16
N LEU D 104 10.22 36.73 7.89
CA LEU D 104 11.16 35.81 7.26
C LEU D 104 12.58 36.25 7.57
N VAL D 105 13.52 35.30 7.47
CA VAL D 105 14.92 35.55 7.83
C VAL D 105 15.75 35.61 6.54
N VAL D 106 16.46 36.72 6.37
CA VAL D 106 17.18 37.04 5.15
C VAL D 106 18.65 37.26 5.49
N ALA D 107 19.55 36.53 4.82
CA ALA D 107 20.98 36.68 5.02
C ALA D 107 21.52 37.75 4.09
N ILE D 108 22.23 38.72 4.64
CA ILE D 108 22.82 39.81 3.88
C ILE D 108 24.32 39.78 4.09
N MET D 109 25.08 39.86 2.99
CA MET D 109 26.54 39.90 3.05
C MET D 109 27.13 38.69 3.75
N GLU D 110 26.39 37.57 3.75
CA GLU D 110 26.84 36.29 4.30
C GLU D 110 27.26 36.39 5.76
N ALA D 111 26.77 37.40 6.49
CA ALA D 111 27.25 37.65 7.85
C ALA D 111 26.15 38.04 8.83
N LYS D 112 25.08 38.68 8.40
CA LYS D 112 24.06 39.21 9.30
C LYS D 112 22.70 38.85 8.74
N THR D 113 21.71 38.73 9.62
CA THR D 113 20.34 38.45 9.20
C THR D 113 19.44 39.63 9.52
N TYR D 114 18.50 39.90 8.61
CA TYR D 114 17.47 40.88 8.78
C TYR D 114 16.13 40.20 8.55
N ILE D 115 15.05 40.96 8.63
CA ILE D 115 13.70 40.43 8.47
CA ILE D 115 13.69 40.44 8.48
C ILE D 115 13.17 40.83 7.10
N GLY D 116 12.56 39.88 6.40
CA GLY D 116 11.90 40.15 5.14
C GLY D 116 10.41 39.86 5.24
N LYS D 117 9.60 40.38 4.31
CA LYS D 117 8.16 40.14 4.33
C LYS D 117 7.65 39.74 2.97
N LEU D 118 6.67 38.83 2.97
CA LEU D 118 6.04 38.37 1.73
C LEU D 118 5.43 39.55 0.98
N LYS D 119 5.92 39.80 -0.23
CA LYS D 119 5.31 40.78 -1.13
C LYS D 119 4.21 40.17 -1.99
N SER D 120 4.44 39.00 -2.57
CA SER D 120 3.41 38.32 -3.35
C SER D 120 3.76 36.86 -3.47
N ARG D 121 2.75 36.05 -3.77
CA ARG D 121 2.92 34.64 -4.05
C ARG D 121 2.04 34.30 -5.25
N LYS D 122 2.58 33.60 -6.24
CA LYS D 122 1.79 33.15 -7.38
C LYS D 122 2.22 31.76 -7.81
N ILE D 123 1.36 31.10 -8.56
CA ILE D 123 1.70 29.81 -9.17
C ILE D 123 2.55 30.05 -10.41
N VAL D 124 3.54 29.19 -10.62
CA VAL D 124 4.32 29.17 -11.85
C VAL D 124 4.32 27.73 -12.36
N SER D 125 4.79 27.56 -13.60
CA SER D 125 4.71 26.26 -14.25
C SER D 125 5.70 25.26 -13.62
N ASN D 126 5.40 23.98 -13.82
CA ASN D 126 6.14 22.90 -13.20
C ASN D 126 7.60 22.86 -13.66
N GLU D 127 8.49 22.44 -12.76
CA GLU D 127 9.88 22.18 -13.09
C GLU D 127 10.39 21.06 -12.19
N ASP D 128 11.52 20.45 -12.59
CA ASP D 128 12.24 19.57 -11.70
C ASP D 128 12.70 20.34 -10.47
N THR D 129 12.71 19.68 -9.32
CA THR D 129 13.08 20.33 -8.08
C THR D 129 14.13 19.50 -7.34
N TYR D 130 14.88 20.19 -6.48
CA TYR D 130 16.04 19.64 -5.79
C TYR D 130 15.97 20.00 -4.32
N ASP D 131 16.68 19.23 -3.49
CA ASP D 131 16.88 19.70 -2.12
C ASP D 131 18.17 19.12 -1.57
N ILE D 132 18.51 19.59 -0.38
CA ILE D 132 19.67 19.11 0.35
C ILE D 132 19.23 18.89 1.78
N GLN D 133 20.05 18.11 2.48
CA GLN D 133 19.90 17.85 3.91
C GLN D 133 21.15 18.40 4.59
N THR D 134 20.97 19.18 5.66
CA THR D 134 22.08 19.81 6.35
C THR D 134 22.02 19.49 7.84
N SER D 135 23.10 19.82 8.55
CA SER D 135 23.13 19.52 9.98
C SER D 135 22.20 20.41 10.79
N THR D 136 21.80 21.57 10.25
CA THR D 136 20.89 22.46 10.95
C THR D 136 19.43 22.28 10.54
N HIS D 137 19.16 21.36 9.61
CA HIS D 137 17.84 21.22 8.99
C HIS D 137 17.33 22.53 8.36
N ASN D 138 18.25 23.42 7.94
CA ASN D 138 17.85 24.56 7.14
C ASN D 138 19.03 25.03 6.30
N PHE D 139 18.77 26.04 5.47
CA PHE D 139 19.81 26.73 4.70
C PHE D 139 19.18 27.93 4.01
N PHE D 140 20.04 28.86 3.59
CA PHE D 140 19.58 30.01 2.84
C PHE D 140 19.52 29.66 1.36
N ALA D 141 18.35 29.90 0.75
CA ALA D 141 18.14 29.76 -0.68
C ALA D 141 17.73 31.12 -1.22
N ASN D 142 18.51 31.65 -2.17
CA ASN D 142 18.38 33.04 -2.64
C ASN D 142 18.30 34.02 -1.47
N ASP D 143 19.12 33.76 -0.45
CA ASP D 143 19.24 34.56 0.77
C ASP D 143 18.05 34.42 1.71
N ILE D 144 17.13 33.49 1.47
CA ILE D 144 15.95 33.26 2.31
C ILE D 144 16.14 31.95 3.08
N LEU D 145 15.88 31.97 4.38
CA LEU D 145 16.06 30.76 5.20
C LEU D 145 14.90 29.80 5.00
N VAL D 146 15.19 28.58 4.53
CA VAL D 146 14.16 27.57 4.28
C VAL D 146 14.55 26.27 4.98
N HIS D 147 13.55 25.41 5.14
CA HIS D 147 13.70 24.14 5.85
C HIS D 147 14.37 23.10 4.97
N ALA D 148 15.13 22.21 5.60
CA ALA D 148 15.77 21.08 4.91
C ALA D 148 15.36 19.79 5.62
N SER D 149 14.33 19.13 5.09
CA SER D 149 13.80 17.93 5.72
C SER D 149 14.68 16.72 5.43
N GLU D 150 14.64 15.74 6.33
CA GLU D 150 15.29 14.46 6.15
C GLU D 150 14.34 13.36 5.68
N ILE D 151 13.05 13.48 5.96
CA ILE D 151 12.08 12.44 5.61
C ILE D 151 11.01 13.00 4.68
C FMT E . -10.94 -14.28 -11.53
O1 FMT E . -10.46 -14.18 -12.67
O2 FMT E . -11.35 -13.34 -10.86
NA NA F . -9.58 -9.17 -11.68
NA NA G . -20.48 -23.35 -8.28
NA NA H . -27.53 -13.26 -25.75
NA NA I . 1.97 7.93 -2.04
NA NA J . -15.36 9.81 -6.93
NA NA K . -24.81 -19.91 -1.22
C FMT L . -17.54 -33.75 -15.12
O1 FMT L . -18.40 -34.02 -14.30
O2 FMT L . -16.44 -33.33 -14.79
C FMT M . -8.58 -23.14 7.04
O1 FMT M . -9.78 -23.24 6.74
O2 FMT M . -7.85 -22.23 6.67
C FMT N . -6.56 -40.91 -10.78
O1 FMT N . -7.18 -41.25 -9.77
O2 FMT N . -6.36 -41.64 -11.75
C FMT O . -0.32 -15.87 3.43
O1 FMT O . -0.61 -14.88 2.76
O2 FMT O . -1.13 -16.56 4.05
NA NA P . 3.82 27.81 14.16
NA NA Q . 14.05 19.46 27.38
NA NA R . 13.63 19.27 1.20
NA NA S . 10.43 32.57 17.22
#